data_9DW6
#
_entry.id   9DW6
#
_cell.length_a   67.787
_cell.length_b   100.029
_cell.length_c   103.252
_cell.angle_alpha   90.000
_cell.angle_beta   90.000
_cell.angle_gamma   90.000
#
_symmetry.space_group_name_H-M   'P 21 21 21'
#
loop_
_entity.id
_entity.type
_entity.pdbx_description
1 polymer '3C-like proteinase nsp5'
2 polymer 'tRNA (guanine(26)-N(2))-dimethyltransferase'
3 non-polymer 'CHLORIDE ION'
4 non-polymer 'SODIUM ION'
5 non-polymer GLYCEROL
6 water water
#
loop_
_entity_poly.entity_id
_entity_poly.type
_entity_poly.pdbx_seq_one_letter_code
_entity_poly.pdbx_strand_id
1 'polypeptide(L)'
;GSSGFRKMAFPSGKVEGCMVQVTCGTTTLNGLWLDDVVYCPRHVICTSEDMLNPNYEDLLIRKSNHNFLVQAGNVQLRVI
GHSMQNCVLKLKVDTANPKTPKYKFVRIQPGQTFSVLACYNGSPSGVYQCAMRPNFTIKGSFLNGSAGSVGFNIDYDCVS
FCYMHHMELPTGVHAGTDLEGNFYGPFVDRQTAQAAGTDTTITVNVLAWLYAAVINGDRWFLNRFTTTLNDFNLVAMKYN
YEPLTQDHVDILGPLSAQTGIAVLDMCASLKELLQNGMNGRTILGSALLEDEFTPFDVVRQCSGVTFQ
;
A,B
2 'polypeptide(L)' EPRLQANFTIR C
#
loop_
_chem_comp.id
_chem_comp.type
_chem_comp.name
_chem_comp.formula
CL non-polymer 'CHLORIDE ION' 'Cl -1'
GOL non-polymer GLYCEROL 'C3 H8 O3'
NA non-polymer 'SODIUM ION' 'Na 1'
#
# COMPACT_ATOMS: atom_id res chain seq x y z
N PHE A 5 -10.76 3.38 -6.74
CA PHE A 5 -10.41 1.96 -6.71
C PHE A 5 -8.94 1.78 -6.35
N ARG A 6 -8.67 1.57 -5.07
CA ARG A 6 -7.32 1.62 -4.55
C ARG A 6 -6.65 0.25 -4.55
N LYS A 7 -5.35 0.24 -4.83
CA LYS A 7 -4.55 -0.92 -4.48
C LYS A 7 -4.50 -1.01 -2.97
N MET A 8 -4.94 -2.13 -2.42
CA MET A 8 -4.88 -2.35 -1.00
C MET A 8 -3.84 -3.42 -0.69
N ALA A 9 -3.04 -3.17 0.32
CA ALA A 9 -2.14 -4.18 0.82
C ALA A 9 -2.82 -4.92 1.97
N PHE A 10 -2.29 -6.10 2.28
CA PHE A 10 -2.81 -6.76 3.47
C PHE A 10 -2.25 -6.07 4.72
N PRO A 11 -2.99 -6.09 5.84
CA PRO A 11 -2.42 -5.58 7.10
C PRO A 11 -1.15 -6.35 7.42
N SER A 12 -0.12 -5.63 7.85
CA SER A 12 1.20 -6.21 7.91
C SER A 12 1.58 -6.72 9.29
N GLY A 13 0.71 -6.57 10.29
CA GLY A 13 1.07 -6.89 11.66
C GLY A 13 1.57 -8.31 11.87
N LYS A 14 0.91 -9.29 11.23
CA LYS A 14 1.34 -10.67 11.41
C LYS A 14 2.75 -10.91 10.86
N VAL A 15 3.16 -10.14 9.86
CA VAL A 15 4.50 -10.28 9.33
C VAL A 15 5.50 -9.45 10.13
N GLU A 16 5.08 -8.27 10.61
CA GLU A 16 5.97 -7.46 11.44
C GLU A 16 6.53 -8.24 12.63
N GLY A 17 5.70 -9.05 13.27
CA GLY A 17 6.13 -9.86 14.41
C GLY A 17 7.15 -10.93 14.08
N CYS A 18 7.48 -11.13 12.80
CA CYS A 18 8.43 -12.15 12.40
C CYS A 18 9.74 -11.57 11.89
N MET A 19 9.85 -10.25 11.76
CA MET A 19 11.04 -9.66 11.16
C MET A 19 12.13 -9.53 12.20
N VAL A 20 13.35 -9.95 11.83
CA VAL A 20 14.53 -9.85 12.66
C VAL A 20 15.66 -9.31 11.80
N GLN A 21 16.73 -8.91 12.47
CA GLN A 21 17.97 -8.51 11.80
C GLN A 21 18.97 -9.65 11.84
N VAL A 22 19.67 -9.89 10.74
CA VAL A 22 20.71 -10.92 10.67
C VAL A 22 22.01 -10.27 10.21
N THR A 23 23.07 -10.50 10.98
CA THR A 23 24.37 -9.94 10.65
C THR A 23 25.39 -11.07 10.64
N CYS A 24 26.20 -11.13 9.59
CA CYS A 24 27.33 -12.04 9.53
C CYS A 24 28.53 -11.18 9.15
N GLY A 25 29.48 -11.04 10.07
CA GLY A 25 30.61 -10.17 9.81
C GLY A 25 30.15 -8.73 9.80
N THR A 26 30.44 -8.03 8.70
CA THR A 26 29.99 -6.65 8.54
C THR A 26 28.85 -6.54 7.54
N THR A 27 28.18 -7.64 7.23
CA THR A 27 27.06 -7.64 6.29
C THR A 27 25.77 -7.90 7.07
N THR A 28 24.73 -7.11 6.79
CA THR A 28 23.49 -7.17 7.54
C THR A 28 22.29 -7.14 6.61
N LEU A 29 21.27 -7.95 6.92
CA LEU A 29 20.02 -7.87 6.18
C LEU A 29 18.89 -8.34 7.10
N ASN A 30 17.72 -8.53 6.52
CA ASN A 30 16.54 -8.91 7.29
C ASN A 30 16.36 -10.41 7.27
N GLY A 31 15.81 -10.94 8.36
CA GLY A 31 15.41 -12.34 8.41
C GLY A 31 13.94 -12.52 8.76
N LEU A 32 13.38 -13.67 8.44
CA LEU A 32 12.00 -14.04 8.77
C LEU A 32 12.01 -15.16 9.80
N TRP A 33 11.46 -14.89 10.99
CA TRP A 33 11.54 -15.77 12.16
C TRP A 33 10.19 -16.47 12.34
N LEU A 34 10.14 -17.74 11.96
CA LEU A 34 8.93 -18.55 12.07
C LEU A 34 9.27 -19.78 12.90
N ASP A 35 8.54 -19.97 14.01
CA ASP A 35 8.85 -21.05 14.95
C ASP A 35 10.31 -20.87 15.36
N ASP A 36 11.14 -21.91 15.30
CA ASP A 36 12.54 -21.81 15.70
C ASP A 36 13.51 -21.75 14.52
N VAL A 37 13.06 -21.24 13.36
CA VAL A 37 13.93 -21.08 12.19
C VAL A 37 13.88 -19.64 11.73
N VAL A 38 15.04 -19.06 11.47
CA VAL A 38 15.13 -17.77 10.78
C VAL A 38 15.56 -18.04 9.35
N TYR A 39 14.78 -17.54 8.39
CA TYR A 39 15.08 -17.65 6.96
C TYR A 39 15.63 -16.32 6.48
N CYS A 40 16.74 -16.34 5.75
CA CYS A 40 17.23 -15.08 5.18
C CYS A 40 18.01 -15.38 3.89
N PRO A 41 18.26 -14.35 3.07
CA PRO A 41 19.03 -14.58 1.84
C PRO A 41 20.45 -15.02 2.18
N ARG A 42 20.97 -15.98 1.42
CA ARG A 42 22.27 -16.55 1.76
C ARG A 42 23.41 -15.55 1.59
N HIS A 43 23.24 -14.49 0.80
CA HIS A 43 24.39 -13.62 0.58
C HIS A 43 24.70 -12.72 1.79
N VAL A 44 24.03 -12.94 2.92
CA VAL A 44 24.49 -12.34 4.18
C VAL A 44 25.89 -12.84 4.54
N ILE A 45 26.33 -13.99 4.01
CA ILE A 45 27.67 -14.50 4.34
C ILE A 45 28.74 -13.99 3.37
N CYS A 46 28.38 -13.13 2.41
CA CYS A 46 29.34 -12.51 1.50
C CYS A 46 30.01 -11.28 2.12
N THR A 47 31.30 -11.10 1.83
CA THR A 47 31.99 -9.84 2.02
C THR A 47 31.96 -9.07 0.70
N SER A 48 32.53 -7.87 0.72
CA SER A 48 32.67 -7.09 -0.51
C SER A 48 33.59 -7.73 -1.54
N GLU A 49 34.30 -8.80 -1.19
CA GLU A 49 35.09 -9.54 -2.16
C GLU A 49 34.38 -10.77 -2.73
N ASP A 50 33.16 -11.04 -2.28
CA ASP A 50 32.41 -12.22 -2.70
C ASP A 50 31.16 -11.87 -3.51
N MET A 51 31.19 -10.75 -4.24
CA MET A 51 29.95 -10.30 -4.85
C MET A 51 29.78 -10.79 -6.29
N LEU A 52 30.86 -11.08 -7.02
CA LEU A 52 30.73 -11.48 -8.41
C LEU A 52 30.60 -12.99 -8.61
N ASN A 53 31.42 -13.77 -7.91
CA ASN A 53 31.43 -15.23 -8.07
C ASN A 53 31.55 -15.91 -6.72
N PRO A 54 30.65 -15.63 -5.78
CA PRO A 54 30.72 -16.29 -4.47
C PRO A 54 30.46 -17.80 -4.60
N ASN A 55 31.29 -18.59 -3.92
CA ASN A 55 31.02 -20.01 -3.75
C ASN A 55 30.36 -20.14 -2.38
N TYR A 56 29.03 -20.26 -2.36
CA TYR A 56 28.33 -20.17 -1.08
C TYR A 56 28.62 -21.38 -0.20
N GLU A 57 28.76 -22.57 -0.80
CA GLU A 57 29.14 -23.73 -0.01
C GLU A 57 30.45 -23.49 0.74
N ASP A 58 31.40 -22.88 0.06
CA ASP A 58 32.71 -22.65 0.66
C ASP A 58 32.64 -21.54 1.71
N LEU A 59 31.92 -20.46 1.41
CA LEU A 59 31.75 -19.38 2.39
C LEU A 59 31.05 -19.90 3.63
N LEU A 60 30.08 -20.81 3.46
CA LEU A 60 29.28 -21.21 4.61
C LEU A 60 30.02 -22.19 5.51
N ILE A 61 30.83 -23.08 4.92
CA ILE A 61 31.52 -24.07 5.76
C ILE A 61 32.52 -23.39 6.69
N ARG A 62 32.97 -22.18 6.36
CA ARG A 62 33.85 -21.40 7.22
C ARG A 62 33.12 -20.68 8.35
N LYS A 63 31.80 -20.82 8.45
CA LYS A 63 31.00 -20.16 9.47
C LYS A 63 30.61 -21.16 10.56
N SER A 64 30.69 -20.70 11.80
CA SER A 64 30.06 -21.42 12.90
C SER A 64 28.75 -20.72 13.27
N ASN A 65 28.00 -21.36 14.16
CA ASN A 65 26.73 -20.79 14.59
C ASN A 65 26.91 -19.40 15.18
N HIS A 66 27.93 -19.20 16.02
CA HIS A 66 28.07 -17.90 16.67
C HIS A 66 28.55 -16.81 15.73
N ASN A 67 28.91 -17.14 14.48
CA ASN A 67 29.18 -16.09 13.50
C ASN A 67 27.92 -15.40 13.00
N PHE A 68 26.74 -15.93 13.32
CA PHE A 68 25.48 -15.34 12.87
C PHE A 68 24.85 -14.58 14.04
N LEU A 69 24.74 -13.27 13.91
CA LEU A 69 24.16 -12.42 14.94
C LEU A 69 22.71 -12.10 14.56
N VAL A 70 21.76 -12.67 15.29
CA VAL A 70 20.34 -12.51 15.01
C VAL A 70 19.72 -11.68 16.14
N GLN A 71 19.14 -10.52 15.79
CA GLN A 71 18.52 -9.65 16.78
C GLN A 71 17.03 -9.54 16.51
N ALA A 72 16.21 -9.86 17.51
CA ALA A 72 14.77 -9.59 17.47
C ALA A 72 14.50 -8.47 18.48
N GLY A 73 14.25 -7.27 17.97
CA GLY A 73 14.10 -6.14 18.86
C GLY A 73 15.38 -5.92 19.66
N ASN A 74 15.26 -5.97 20.98
CA ASN A 74 16.43 -5.82 21.85
C ASN A 74 17.02 -7.17 22.25
N VAL A 75 16.35 -8.27 21.93
CA VAL A 75 16.82 -9.62 22.26
C VAL A 75 17.77 -10.10 21.18
N GLN A 76 18.87 -10.74 21.58
CA GLN A 76 19.71 -11.49 20.68
C GLN A 76 19.32 -12.96 20.76
N LEU A 77 18.96 -13.55 19.62
CA LEU A 77 18.61 -14.97 19.56
C LEU A 77 19.87 -15.82 19.43
N ARG A 78 19.85 -16.99 20.08
CA ARG A 78 20.96 -17.92 20.00
C ARG A 78 20.76 -18.86 18.82
N VAL A 79 21.70 -18.83 17.87
CA VAL A 79 21.68 -19.72 16.73
C VAL A 79 22.30 -21.05 17.15
N ILE A 80 21.58 -22.15 16.97
CA ILE A 80 22.09 -23.45 17.36
C ILE A 80 22.28 -24.38 16.18
N GLY A 81 22.11 -23.88 14.96
CA GLY A 81 22.35 -24.68 13.77
C GLY A 81 22.07 -23.83 12.56
N HIS A 82 22.61 -24.27 11.41
CA HIS A 82 22.42 -23.54 10.17
C HIS A 82 22.54 -24.51 9.00
N SER A 83 21.74 -24.24 7.95
CA SER A 83 21.90 -24.93 6.69
C SER A 83 21.49 -23.99 5.56
N MET A 84 21.87 -24.37 4.35
CA MET A 84 21.54 -23.62 3.14
C MET A 84 20.56 -24.46 2.32
N GLN A 85 19.51 -23.82 1.83
CA GLN A 85 18.54 -24.46 0.95
C GLN A 85 18.42 -23.56 -0.28
N ASN A 86 19.00 -23.98 -1.40
CA ASN A 86 19.03 -23.14 -2.58
C ASN A 86 19.60 -21.78 -2.18
N CYS A 87 18.88 -20.67 -2.38
CA CYS A 87 19.47 -19.35 -2.14
C CYS A 87 19.10 -18.76 -0.79
N VAL A 88 18.54 -19.53 0.13
CA VAL A 88 18.28 -18.99 1.47
C VAL A 88 19.05 -19.81 2.49
N LEU A 89 19.41 -19.13 3.58
CA LEU A 89 19.92 -19.77 4.78
C LEU A 89 18.77 -20.03 5.76
N LYS A 90 18.83 -21.15 6.45
CA LYS A 90 17.90 -21.45 7.53
C LYS A 90 18.71 -21.54 8.80
N LEU A 91 18.49 -20.59 9.71
CA LEU A 91 19.20 -20.53 10.98
C LEU A 91 18.28 -21.07 12.07
N LYS A 92 18.65 -22.23 12.63
CA LYS A 92 17.96 -22.77 13.78
C LYS A 92 18.32 -21.96 15.01
N VAL A 93 17.31 -21.51 15.75
CA VAL A 93 17.54 -20.75 16.97
C VAL A 93 16.86 -21.48 18.12
N ASP A 94 17.25 -21.11 19.34
CA ASP A 94 16.80 -21.88 20.51
C ASP A 94 15.50 -21.35 21.13
N THR A 95 14.79 -20.45 20.44
CA THR A 95 13.52 -19.90 20.88
C THR A 95 12.56 -19.96 19.70
N ALA A 96 11.37 -20.53 19.89
CA ALA A 96 10.32 -20.39 18.90
C ALA A 96 9.72 -18.98 18.98
N ASN A 97 9.44 -18.38 17.84
CA ASN A 97 8.87 -17.05 17.84
C ASN A 97 7.47 -17.11 18.45
N PRO A 98 7.21 -16.44 19.57
CA PRO A 98 5.86 -16.52 20.16
C PRO A 98 4.81 -15.83 19.31
N LYS A 99 5.24 -15.00 18.36
CA LYS A 99 4.33 -14.27 17.49
C LYS A 99 4.12 -14.96 16.15
N THR A 100 4.62 -16.17 15.97
CA THR A 100 4.47 -16.89 14.69
C THR A 100 3.00 -16.99 14.34
N PRO A 101 2.55 -16.47 13.20
CA PRO A 101 1.16 -16.67 12.80
C PRO A 101 0.99 -18.02 12.13
N LYS A 102 -0.27 -18.38 11.87
CA LYS A 102 -0.51 -19.47 10.93
C LYS A 102 0.10 -19.07 9.59
N TYR A 103 0.88 -19.97 8.98
CA TYR A 103 1.50 -19.59 7.73
C TYR A 103 1.69 -20.81 6.85
N LYS A 104 1.96 -20.54 5.57
CA LYS A 104 2.43 -21.52 4.60
C LYS A 104 3.37 -20.82 3.62
N PHE A 105 4.19 -21.61 2.93
CA PHE A 105 5.03 -21.13 1.83
C PHE A 105 4.37 -21.50 0.51
N VAL A 106 4.30 -20.55 -0.42
CA VAL A 106 3.74 -20.81 -1.75
C VAL A 106 4.64 -20.17 -2.79
N ARG A 107 4.77 -20.83 -3.94
CA ARG A 107 5.45 -20.27 -5.10
C ARG A 107 4.38 -19.75 -6.06
N ILE A 108 4.51 -18.51 -6.49
CA ILE A 108 3.47 -17.88 -7.27
C ILE A 108 3.88 -17.87 -8.74
N GLN A 109 2.95 -17.49 -9.59
CA GLN A 109 3.19 -17.36 -11.02
C GLN A 109 3.11 -15.90 -11.41
N PRO A 110 3.75 -15.52 -12.52
CA PRO A 110 3.64 -14.13 -12.99
C PRO A 110 2.18 -13.73 -13.17
N GLY A 111 1.88 -12.47 -12.83
CA GLY A 111 0.54 -11.95 -12.80
C GLY A 111 -0.09 -11.91 -11.42
N GLN A 112 0.36 -12.80 -10.52
CA GLN A 112 -0.11 -12.81 -9.14
C GLN A 112 0.33 -11.57 -8.37
N THR A 113 -0.52 -11.11 -7.46
CA THR A 113 -0.24 -9.95 -6.62
C THR A 113 0.08 -10.38 -5.20
N PHE A 114 0.75 -9.50 -4.47
CA PHE A 114 1.05 -9.74 -3.07
C PHE A 114 1.49 -8.43 -2.44
N SER A 115 1.48 -8.41 -1.10
CA SER A 115 1.92 -7.26 -0.33
C SER A 115 3.38 -7.45 0.07
N VAL A 116 4.12 -6.35 0.10
CA VAL A 116 5.52 -6.35 0.49
C VAL A 116 5.67 -5.48 1.73
N LEU A 117 6.25 -6.04 2.78
CA LEU A 117 6.65 -5.29 3.97
C LEU A 117 8.14 -4.96 3.82
N ALA A 118 8.44 -3.76 3.37
CA ALA A 118 9.84 -3.36 3.18
C ALA A 118 10.47 -3.06 4.53
N CYS A 119 11.61 -3.71 4.82
CA CYS A 119 12.28 -3.59 6.11
C CYS A 119 13.77 -3.25 5.93
N TYR A 120 14.32 -2.64 6.98
CA TYR A 120 15.74 -2.31 7.10
C TYR A 120 16.15 -2.59 8.53
N ASN A 121 17.27 -3.32 8.70
CA ASN A 121 17.81 -3.65 10.03
C ASN A 121 16.76 -4.36 10.89
N GLY A 122 15.94 -5.17 10.26
CA GLY A 122 14.94 -5.92 10.97
C GLY A 122 13.68 -5.16 11.33
N SER A 123 13.59 -3.87 10.96
CA SER A 123 12.43 -3.05 11.30
C SER A 123 11.67 -2.62 10.05
N PRO A 124 10.35 -2.54 10.12
CA PRO A 124 9.55 -2.24 8.93
C PRO A 124 9.57 -0.77 8.56
N SER A 125 9.69 -0.50 7.26
CA SER A 125 9.57 0.85 6.76
C SER A 125 8.17 1.15 6.23
N GLY A 126 7.54 0.19 5.54
CA GLY A 126 6.21 0.42 5.02
C GLY A 126 5.74 -0.78 4.22
N VAL A 127 4.48 -0.70 3.79
CA VAL A 127 3.86 -1.82 3.11
C VAL A 127 3.30 -1.32 1.78
N TYR A 128 3.50 -2.10 0.73
CA TYR A 128 2.88 -1.75 -0.54
C TYR A 128 2.48 -3.02 -1.26
N GLN A 129 1.59 -2.84 -2.22
CA GLN A 129 1.06 -3.91 -3.03
C GLN A 129 1.80 -3.95 -4.36
N CYS A 130 2.08 -5.14 -4.86
CA CYS A 130 2.73 -5.26 -6.16
C CYS A 130 2.35 -6.59 -6.81
N ALA A 131 2.90 -6.81 -7.99
CA ALA A 131 2.62 -7.99 -8.80
C ALA A 131 3.93 -8.55 -9.29
N MET A 132 3.97 -9.87 -9.45
CA MET A 132 5.07 -10.50 -10.16
C MET A 132 4.90 -10.27 -11.66
N ARG A 133 5.85 -9.55 -12.26
CA ARG A 133 5.74 -9.20 -13.66
C ARG A 133 5.95 -10.44 -14.52
N PRO A 134 5.49 -10.40 -15.78
CA PRO A 134 5.75 -11.54 -16.68
C PRO A 134 7.23 -11.87 -16.86
N ASN A 135 8.13 -10.90 -16.71
CA ASN A 135 9.56 -11.18 -16.78
C ASN A 135 10.16 -11.59 -15.43
N PHE A 136 9.32 -11.95 -14.47
CA PHE A 136 9.72 -12.49 -13.16
C PHE A 136 10.43 -11.47 -12.28
N THR A 137 10.26 -10.18 -12.52
CA THR A 137 10.75 -9.16 -11.60
C THR A 137 9.58 -8.53 -10.88
N ILE A 138 9.86 -7.71 -9.88
CA ILE A 138 8.81 -6.93 -9.26
C ILE A 138 9.25 -5.48 -9.23
N LYS A 139 8.27 -4.58 -9.30
CA LYS A 139 8.53 -3.15 -9.28
C LYS A 139 8.32 -2.66 -7.85
N GLY A 140 9.36 -2.83 -7.03
CA GLY A 140 9.30 -2.42 -5.65
C GLY A 140 10.04 -1.11 -5.41
N SER A 141 9.86 -0.58 -4.21
CA SER A 141 10.80 0.35 -3.61
C SER A 141 11.63 -0.47 -2.63
N PHE A 142 12.89 -0.73 -2.99
CA PHE A 142 13.82 -1.49 -2.16
C PHE A 142 15.17 -0.79 -2.22
N LEU A 143 15.74 -0.51 -1.05
CA LEU A 143 16.97 0.23 -0.94
C LEU A 143 18.05 -0.68 -0.37
N ASN A 144 19.25 -0.13 -0.24
CA ASN A 144 20.34 -0.80 0.46
C ASN A 144 19.88 -1.30 1.83
N GLY A 145 20.09 -2.60 2.08
CA GLY A 145 19.68 -3.20 3.33
C GLY A 145 18.30 -3.85 3.31
N SER A 146 17.57 -3.75 2.22
CA SER A 146 16.21 -4.29 2.18
C SER A 146 16.15 -5.81 1.97
N ALA A 147 17.25 -6.47 1.60
CA ALA A 147 17.16 -7.88 1.26
C ALA A 147 16.62 -8.65 2.46
N GLY A 148 15.82 -9.68 2.21
CA GLY A 148 15.19 -10.40 3.30
C GLY A 148 13.80 -9.90 3.65
N SER A 149 13.41 -8.71 3.18
CA SER A 149 12.01 -8.32 3.22
C SER A 149 11.18 -9.36 2.45
N VAL A 150 9.92 -9.56 2.87
CA VAL A 150 9.14 -10.62 2.25
C VAL A 150 7.83 -10.09 1.67
N GLY A 151 7.32 -10.86 0.69
CA GLY A 151 6.01 -10.61 0.09
C GLY A 151 5.06 -11.71 0.49
N PHE A 152 3.78 -11.37 0.60
CA PHE A 152 2.84 -12.27 1.27
C PHE A 152 1.41 -11.89 0.90
N ASN A 153 0.52 -12.85 1.11
CA ASN A 153 -0.92 -12.64 1.09
C ASN A 153 -1.49 -13.19 2.40
N ILE A 154 -2.67 -12.71 2.77
CA ILE A 154 -3.39 -13.21 3.95
C ILE A 154 -4.86 -13.32 3.59
N ASP A 155 -5.22 -14.29 2.76
CA ASP A 155 -6.60 -14.32 2.29
C ASP A 155 -7.57 -14.78 3.37
N TYR A 156 -7.17 -15.72 4.24
CA TYR A 156 -8.10 -16.26 5.22
C TYR A 156 -7.36 -16.64 6.51
N ASP A 157 -6.96 -15.62 7.29
CA ASP A 157 -6.38 -15.83 8.62
C ASP A 157 -5.00 -16.47 8.60
N CYS A 158 -4.52 -16.88 7.43
CA CYS A 158 -3.24 -17.58 7.27
C CYS A 158 -2.34 -16.80 6.35
N VAL A 159 -1.10 -16.55 6.78
CA VAL A 159 -0.15 -15.79 5.97
C VAL A 159 0.50 -16.73 4.97
N SER A 160 0.36 -16.43 3.67
CA SER A 160 1.06 -17.19 2.63
C SER A 160 2.27 -16.39 2.16
N PHE A 161 3.46 -16.85 2.55
CA PHE A 161 4.70 -16.19 2.16
C PHE A 161 5.10 -16.68 0.77
N CYS A 162 5.27 -15.76 -0.18
CA CYS A 162 5.61 -16.16 -1.54
C CYS A 162 6.85 -15.48 -2.12
N TYR A 163 7.43 -14.51 -1.44
CA TYR A 163 8.59 -13.81 -1.99
C TYR A 163 9.52 -13.42 -0.87
N MET A 164 10.83 -13.58 -1.12
CA MET A 164 11.86 -13.00 -0.25
C MET A 164 12.80 -12.19 -1.14
N HIS A 165 13.09 -10.95 -0.73
CA HIS A 165 13.81 -10.04 -1.60
C HIS A 165 15.31 -10.30 -1.54
N HIS A 166 15.97 -10.25 -2.70
CA HIS A 166 17.42 -10.44 -2.75
C HIS A 166 18.18 -9.30 -3.41
N MET A 167 17.73 -8.79 -4.56
CA MET A 167 18.64 -7.96 -5.34
C MET A 167 17.90 -6.98 -6.24
N GLU A 168 18.64 -5.97 -6.69
CA GLU A 168 18.14 -4.97 -7.63
C GLU A 168 18.84 -5.13 -8.96
N LEU A 169 18.06 -5.09 -10.06
CA LEU A 169 18.61 -5.20 -11.41
C LEU A 169 18.83 -3.82 -12.00
N PRO A 170 19.66 -3.71 -13.05
CA PRO A 170 20.10 -2.36 -13.50
C PRO A 170 18.98 -1.39 -13.85
N THR A 171 17.81 -1.87 -14.29
CA THR A 171 16.72 -0.95 -14.60
C THR A 171 15.97 -0.49 -13.35
N GLY A 172 16.37 -0.98 -12.18
CA GLY A 172 15.74 -0.60 -10.94
C GLY A 172 14.66 -1.55 -10.47
N VAL A 173 14.37 -2.62 -11.20
CA VAL A 173 13.35 -3.59 -10.78
C VAL A 173 14.05 -4.59 -9.87
N HIS A 174 13.29 -5.50 -9.28
CA HIS A 174 13.80 -6.28 -8.16
C HIS A 174 13.59 -7.77 -8.40
N ALA A 175 14.47 -8.58 -7.83
CA ALA A 175 14.46 -10.02 -8.06
C ALA A 175 14.66 -10.74 -6.73
N GLY A 176 14.01 -11.89 -6.58
CA GLY A 176 14.16 -12.65 -5.36
C GLY A 176 13.66 -14.06 -5.54
N THR A 177 13.42 -14.73 -4.41
CA THR A 177 13.15 -16.16 -4.38
C THR A 177 11.81 -16.42 -3.72
N ASP A 178 11.32 -17.66 -3.84
CA ASP A 178 10.29 -18.13 -2.92
C ASP A 178 10.97 -18.46 -1.60
N LEU A 179 10.19 -18.95 -0.63
CA LEU A 179 10.76 -19.19 0.70
C LEU A 179 11.50 -20.51 0.80
N GLU A 180 11.59 -21.25 -0.29
CA GLU A 180 12.51 -22.36 -0.38
C GLU A 180 13.80 -21.97 -1.09
N GLY A 181 13.98 -20.67 -1.36
CA GLY A 181 15.21 -20.17 -1.92
C GLY A 181 15.39 -20.34 -3.40
N ASN A 182 14.34 -20.69 -4.16
CA ASN A 182 14.45 -20.77 -5.61
C ASN A 182 14.07 -19.41 -6.24
N PHE A 183 14.96 -18.87 -7.07
CA PHE A 183 14.69 -17.57 -7.67
C PHE A 183 13.47 -17.63 -8.58
N TYR A 184 12.72 -16.55 -8.58
CA TYR A 184 11.80 -16.28 -9.67
C TYR A 184 12.59 -15.78 -10.87
N GLY A 185 12.41 -16.43 -12.00
CA GLY A 185 13.07 -16.00 -13.22
C GLY A 185 14.47 -16.58 -13.32
N PRO A 186 15.22 -16.14 -14.32
CA PRO A 186 16.51 -16.78 -14.57
C PRO A 186 17.68 -16.17 -13.79
N PHE A 187 17.38 -15.41 -12.73
CA PHE A 187 18.41 -14.63 -12.06
C PHE A 187 19.19 -15.46 -11.02
N VAL A 188 20.39 -14.96 -10.69
CA VAL A 188 21.26 -15.58 -9.70
C VAL A 188 21.76 -14.52 -8.72
N ASP A 189 22.09 -14.94 -7.50
CA ASP A 189 22.56 -14.01 -6.47
C ASP A 189 24.07 -13.81 -6.61
N ARG A 190 24.41 -13.16 -7.73
CA ARG A 190 25.74 -12.70 -8.11
C ARG A 190 25.56 -11.33 -8.76
N GLN A 191 26.57 -10.47 -8.63
CA GLN A 191 26.50 -9.14 -9.23
C GLN A 191 27.10 -9.12 -10.63
N THR A 192 27.23 -10.28 -11.25
CA THR A 192 27.60 -10.37 -12.65
C THR A 192 26.45 -9.83 -13.51
N ALA A 193 26.79 -9.43 -14.74
CA ALA A 193 25.83 -8.75 -15.59
C ALA A 193 24.59 -9.60 -15.80
N GLN A 194 23.43 -9.01 -15.53
CA GLN A 194 22.15 -9.65 -15.74
C GLN A 194 21.16 -8.55 -16.09
N ALA A 195 20.13 -8.92 -16.84
CA ALA A 195 19.09 -7.95 -17.18
C ALA A 195 17.79 -8.70 -17.34
N ALA A 196 16.70 -8.04 -16.93
CA ALA A 196 15.38 -8.62 -17.08
C ALA A 196 14.94 -8.55 -18.54
N GLY A 197 14.28 -9.60 -19.00
CA GLY A 197 13.65 -9.56 -20.31
C GLY A 197 12.66 -8.42 -20.42
N THR A 198 12.25 -8.15 -21.66
CA THR A 198 11.27 -7.10 -21.91
C THR A 198 10.02 -7.38 -21.09
N ASP A 199 9.50 -6.36 -20.40
CA ASP A 199 8.30 -6.56 -19.61
C ASP A 199 7.05 -6.35 -20.45
N THR A 200 6.04 -7.16 -20.18
CA THR A 200 4.78 -7.09 -20.90
C THR A 200 3.67 -6.76 -19.90
N THR A 201 2.54 -6.33 -20.45
CA THR A 201 1.37 -6.03 -19.65
C THR A 201 0.60 -7.32 -19.36
N ILE A 202 0.13 -7.45 -18.12
CA ILE A 202 -0.60 -8.62 -17.67
C ILE A 202 -2.04 -8.50 -18.14
N THR A 203 -2.32 -9.07 -19.31
CA THR A 203 -3.60 -8.86 -19.98
C THR A 203 -4.79 -9.28 -19.12
N VAL A 204 -4.70 -10.44 -18.47
CA VAL A 204 -5.86 -10.93 -17.70
C VAL A 204 -6.20 -9.99 -16.56
N ASN A 205 -5.19 -9.32 -15.99
CA ASN A 205 -5.44 -8.37 -14.92
C ASN A 205 -6.09 -7.10 -15.45
N VAL A 206 -5.65 -6.62 -16.63
CA VAL A 206 -6.30 -5.46 -17.25
C VAL A 206 -7.78 -5.74 -17.47
N LEU A 207 -8.10 -6.94 -17.97
CA LEU A 207 -9.50 -7.27 -18.22
C LEU A 207 -10.29 -7.30 -16.92
N ALA A 208 -9.69 -7.86 -15.85
CA ALA A 208 -10.35 -7.86 -14.55
C ALA A 208 -10.62 -6.45 -14.08
N TRP A 209 -9.66 -5.55 -14.30
CA TRP A 209 -9.81 -4.16 -13.90
C TRP A 209 -10.90 -3.46 -14.70
N LEU A 210 -11.03 -3.79 -16.00
CA LEU A 210 -12.15 -3.22 -16.76
C LEU A 210 -13.49 -3.72 -16.24
N TYR A 211 -13.57 -4.99 -15.82
CA TYR A 211 -14.79 -5.47 -15.18
C TYR A 211 -15.06 -4.70 -13.90
N ALA A 212 -14.02 -4.46 -13.10
CA ALA A 212 -14.15 -3.62 -11.91
C ALA A 212 -14.73 -2.25 -12.27
N ALA A 213 -14.28 -1.69 -13.38
CA ALA A 213 -14.79 -0.39 -13.81
C ALA A 213 -16.28 -0.48 -14.15
N VAL A 214 -16.68 -1.56 -14.82
CA VAL A 214 -18.09 -1.76 -15.13
C VAL A 214 -18.89 -1.92 -13.84
N ILE A 215 -18.34 -2.66 -12.88
CA ILE A 215 -19.05 -2.91 -11.62
C ILE A 215 -19.24 -1.61 -10.85
N ASN A 216 -18.25 -0.72 -10.88
CA ASN A 216 -18.40 0.56 -10.21
C ASN A 216 -19.14 1.59 -11.09
N GLY A 217 -19.75 1.15 -12.18
CA GLY A 217 -20.70 1.98 -12.90
C GLY A 217 -20.23 2.68 -14.15
N ASP A 218 -19.07 2.32 -14.69
CA ASP A 218 -18.54 2.99 -15.88
C ASP A 218 -18.54 2.03 -17.07
N ARG A 219 -19.19 2.44 -18.17
CA ARG A 219 -19.29 1.62 -19.37
C ARG A 219 -18.86 2.35 -20.64
N TRP A 220 -18.34 3.58 -20.52
CA TRP A 220 -18.09 4.39 -21.71
C TRP A 220 -17.15 3.71 -22.70
N PHE A 221 -16.30 2.78 -22.25
CA PHE A 221 -15.27 2.15 -23.09
C PHE A 221 -15.71 0.86 -23.77
N LEU A 222 -16.88 0.33 -23.42
CA LEU A 222 -17.39 -0.84 -24.11
C LEU A 222 -17.76 -0.49 -25.55
N ASN A 223 -17.86 -1.52 -26.40
CA ASN A 223 -18.43 -1.36 -27.73
C ASN A 223 -19.29 -2.56 -28.06
N ARG A 224 -19.90 -2.54 -29.24
CA ARG A 224 -20.85 -3.57 -29.62
C ARG A 224 -20.18 -4.79 -30.26
N PHE A 225 -18.85 -4.87 -30.24
CA PHE A 225 -18.15 -5.93 -30.95
C PHE A 225 -17.78 -7.09 -30.02
N THR A 226 -17.50 -8.23 -30.64
CA THR A 226 -16.82 -9.35 -30.00
C THR A 226 -15.52 -9.63 -30.76
N THR A 227 -14.79 -10.65 -30.31
CA THR A 227 -13.55 -11.04 -30.97
C THR A 227 -13.32 -12.52 -30.72
N THR A 228 -12.54 -13.13 -31.60
CA THR A 228 -12.05 -14.46 -31.27
C THR A 228 -10.85 -14.32 -30.35
N LEU A 229 -10.52 -15.41 -29.65
CA LEU A 229 -9.35 -15.37 -28.78
C LEU A 229 -8.10 -15.15 -29.61
N ASN A 230 -7.98 -15.81 -30.76
CA ASN A 230 -6.74 -15.67 -31.52
C ASN A 230 -6.60 -14.27 -32.12
N ASP A 231 -7.68 -13.71 -32.65
CA ASP A 231 -7.61 -12.34 -33.16
C ASP A 231 -7.23 -11.37 -32.05
N PHE A 232 -7.78 -11.57 -30.84
CA PHE A 232 -7.44 -10.68 -29.74
C PHE A 232 -5.95 -10.73 -29.44
N ASN A 233 -5.38 -11.94 -29.38
CA ASN A 233 -3.96 -12.05 -29.08
C ASN A 233 -3.08 -11.46 -30.19
N LEU A 234 -3.49 -11.59 -31.45
CA LEU A 234 -2.70 -11.01 -32.53
C LEU A 234 -2.61 -9.49 -32.38
N VAL A 235 -3.70 -8.85 -31.98
CA VAL A 235 -3.70 -7.40 -31.75
C VAL A 235 -2.94 -7.07 -30.49
N ALA A 236 -3.31 -7.71 -29.37
CA ALA A 236 -2.77 -7.32 -28.07
C ALA A 236 -1.26 -7.42 -28.04
N MET A 237 -0.68 -8.40 -28.72
CA MET A 237 0.76 -8.57 -28.65
C MET A 237 1.50 -7.46 -29.38
N LYS A 238 0.84 -6.76 -30.30
CA LYS A 238 1.43 -5.58 -30.91
C LYS A 238 1.57 -4.42 -29.94
N TYR A 239 0.92 -4.49 -28.79
CA TYR A 239 1.07 -3.48 -27.75
C TYR A 239 1.88 -4.01 -26.57
N ASN A 240 2.60 -5.12 -26.78
CA ASN A 240 3.40 -5.76 -25.74
C ASN A 240 2.53 -6.25 -24.57
N TYR A 241 1.34 -6.75 -24.90
CA TYR A 241 0.47 -7.41 -23.94
C TYR A 241 0.73 -8.90 -23.95
N GLU A 242 0.61 -9.53 -22.78
CA GLU A 242 0.77 -10.96 -22.68
C GLU A 242 -0.36 -11.66 -23.42
N PRO A 243 -0.09 -12.82 -24.03
CA PRO A 243 -1.18 -13.60 -24.63
C PRO A 243 -2.19 -14.00 -23.58
N LEU A 244 -3.46 -13.98 -23.96
CA LEU A 244 -4.54 -14.44 -23.11
C LEU A 244 -4.84 -15.90 -23.45
N THR A 245 -4.83 -16.76 -22.44
CA THR A 245 -5.07 -18.19 -22.64
C THR A 245 -6.51 -18.53 -22.27
N GLN A 246 -6.93 -19.74 -22.67
CA GLN A 246 -8.24 -20.21 -22.25
C GLN A 246 -8.33 -20.30 -20.73
N ASP A 247 -7.21 -20.63 -20.07
CA ASP A 247 -7.16 -20.58 -18.62
C ASP A 247 -7.58 -19.21 -18.10
N HIS A 248 -6.96 -18.16 -18.65
CA HIS A 248 -7.32 -16.80 -18.25
C HIS A 248 -8.79 -16.52 -18.54
N VAL A 249 -9.29 -17.02 -19.68
CA VAL A 249 -10.71 -16.84 -20.00
C VAL A 249 -11.59 -17.50 -18.95
N ASP A 250 -11.19 -18.70 -18.48
CA ASP A 250 -11.96 -19.35 -17.41
C ASP A 250 -11.92 -18.53 -16.14
N ILE A 251 -10.75 -17.98 -15.80
CA ILE A 251 -10.58 -17.23 -14.56
C ILE A 251 -11.57 -16.08 -14.50
N LEU A 252 -11.84 -15.45 -15.65
CA LEU A 252 -12.70 -14.27 -15.69
C LEU A 252 -14.18 -14.62 -15.71
N GLY A 253 -14.54 -15.90 -15.84
CA GLY A 253 -15.91 -16.35 -15.91
C GLY A 253 -16.83 -15.72 -14.86
N PRO A 254 -16.43 -15.79 -13.58
CA PRO A 254 -17.24 -15.14 -12.53
C PRO A 254 -17.55 -13.66 -12.79
N LEU A 255 -16.54 -12.85 -13.13
CA LEU A 255 -16.78 -11.43 -13.36
C LEU A 255 -17.65 -11.21 -14.59
N SER A 256 -17.52 -12.06 -15.62
CA SER A 256 -18.38 -11.94 -16.78
C SER A 256 -19.84 -12.18 -16.40
N ALA A 257 -20.08 -13.22 -15.60
CA ALA A 257 -21.44 -13.51 -15.15
C ALA A 257 -21.98 -12.39 -14.25
N GLN A 258 -21.13 -11.77 -13.45
CA GLN A 258 -21.62 -10.70 -12.59
C GLN A 258 -22.08 -9.49 -13.43
N THR A 259 -21.36 -9.18 -14.50
CA THR A 259 -21.63 -7.98 -15.29
C THR A 259 -22.55 -8.22 -16.47
N GLY A 260 -22.70 -9.47 -16.92
CA GLY A 260 -23.42 -9.73 -18.16
C GLY A 260 -22.63 -9.40 -19.41
N ILE A 261 -21.32 -9.20 -19.30
CA ILE A 261 -20.47 -8.92 -20.44
C ILE A 261 -19.57 -10.13 -20.68
N ALA A 262 -19.75 -10.78 -21.83
CA ALA A 262 -18.95 -11.95 -22.18
C ALA A 262 -17.47 -11.59 -22.17
N VAL A 263 -16.62 -12.57 -21.87
CA VAL A 263 -15.18 -12.29 -21.75
C VAL A 263 -14.63 -11.79 -23.08
N LEU A 264 -14.98 -12.47 -24.18
CA LEU A 264 -14.50 -12.02 -25.48
C LEU A 264 -15.10 -10.70 -25.91
N ASP A 265 -16.24 -10.30 -25.33
CA ASP A 265 -16.74 -8.94 -25.57
C ASP A 265 -15.90 -7.90 -24.84
N MET A 266 -15.49 -8.20 -23.60
CA MET A 266 -14.55 -7.29 -22.93
C MET A 266 -13.23 -7.23 -23.66
N CYS A 267 -12.82 -8.34 -24.28
CA CYS A 267 -11.59 -8.34 -25.08
C CYS A 267 -11.70 -7.39 -26.27
N ALA A 268 -12.88 -7.34 -26.91
CA ALA A 268 -13.12 -6.37 -27.97
C ALA A 268 -12.98 -4.94 -27.45
N SER A 269 -13.48 -4.69 -26.24
CA SER A 269 -13.37 -3.35 -25.66
C SER A 269 -11.89 -2.99 -25.43
N LEU A 270 -11.10 -3.94 -24.92
CA LEU A 270 -9.68 -3.66 -24.69
C LEU A 270 -8.96 -3.35 -25.99
N LYS A 271 -9.26 -4.06 -27.08
CA LYS A 271 -8.61 -3.77 -28.36
C LYS A 271 -8.86 -2.34 -28.79
N GLU A 272 -10.10 -1.87 -28.64
CA GLU A 272 -10.45 -0.50 -29.03
C GLU A 272 -9.77 0.52 -28.12
N LEU A 273 -9.68 0.22 -26.82
CA LEU A 273 -8.96 1.11 -25.90
C LEU A 273 -7.49 1.21 -26.28
N LEU A 274 -6.88 0.10 -26.71
CA LEU A 274 -5.48 0.16 -27.13
C LEU A 274 -5.34 1.03 -28.36
N GLN A 275 -6.34 0.99 -29.26
CA GLN A 275 -6.29 1.78 -30.48
C GLN A 275 -6.56 3.25 -30.25
N ASN A 276 -7.38 3.58 -29.26
CA ASN A 276 -7.89 4.93 -29.10
C ASN A 276 -7.21 5.72 -27.99
N GLY A 277 -6.56 5.04 -27.04
CA GLY A 277 -6.23 5.76 -25.82
C GLY A 277 -7.49 6.17 -25.07
N MET A 278 -7.30 7.08 -24.12
CA MET A 278 -8.38 7.49 -23.21
C MET A 278 -9.13 8.74 -23.68
N ASN A 279 -8.53 9.54 -24.56
CA ASN A 279 -9.12 10.79 -25.02
C ASN A 279 -9.47 11.71 -23.84
N GLY A 280 -8.48 11.94 -22.97
CA GLY A 280 -8.66 12.81 -21.83
C GLY A 280 -9.47 12.23 -20.70
N ARG A 281 -10.07 11.05 -20.86
CA ARG A 281 -10.87 10.45 -19.81
C ARG A 281 -9.97 9.67 -18.86
N THR A 282 -10.58 9.12 -17.81
CA THR A 282 -9.93 8.20 -16.90
C THR A 282 -10.86 7.04 -16.62
N ILE A 283 -10.27 5.92 -16.24
CA ILE A 283 -11.00 4.73 -15.78
C ILE A 283 -10.50 4.43 -14.37
N LEU A 284 -11.43 4.41 -13.40
CA LEU A 284 -11.09 4.18 -12.00
C LEU A 284 -9.91 5.05 -11.55
N GLY A 285 -9.97 6.33 -11.93
CA GLY A 285 -8.98 7.30 -11.50
C GLY A 285 -7.63 7.19 -12.16
N SER A 286 -7.52 6.52 -13.30
CA SER A 286 -6.23 6.28 -13.93
C SER A 286 -6.31 6.59 -15.42
N ALA A 287 -5.26 7.22 -15.94
CA ALA A 287 -5.14 7.49 -17.37
C ALA A 287 -4.37 6.42 -18.12
N LEU A 288 -3.95 5.36 -17.44
CA LEU A 288 -3.34 4.20 -18.07
C LEU A 288 -4.18 2.97 -17.74
N LEU A 289 -3.98 1.90 -18.52
CA LEU A 289 -4.67 0.64 -18.23
C LEU A 289 -3.91 -0.10 -17.14
N GLU A 290 -4.56 -0.35 -16.02
CA GLU A 290 -3.94 -0.91 -14.82
C GLU A 290 -3.85 -2.43 -14.90
N ASP A 291 -2.68 -3.02 -14.58
CA ASP A 291 -2.55 -4.47 -14.70
C ASP A 291 -2.02 -5.14 -13.43
N GLU A 292 -2.10 -4.51 -12.27
CA GLU A 292 -1.71 -5.15 -11.02
C GLU A 292 -2.90 -5.41 -10.08
N PHE A 293 -4.09 -5.61 -10.64
CA PHE A 293 -5.24 -6.22 -9.95
C PHE A 293 -5.59 -7.53 -10.64
N THR A 294 -5.59 -8.65 -9.89
CA THR A 294 -5.98 -9.95 -10.44
C THR A 294 -7.50 -10.12 -10.44
N PRO A 295 -8.02 -11.08 -11.21
CA PRO A 295 -9.47 -11.39 -11.10
C PRO A 295 -9.91 -11.72 -9.69
N PHE A 296 -9.05 -12.39 -8.93
CA PHE A 296 -9.33 -12.66 -7.52
C PHE A 296 -9.39 -11.37 -6.71
N ASP A 297 -8.42 -10.47 -6.91
CA ASP A 297 -8.45 -9.19 -6.20
C ASP A 297 -9.75 -8.44 -6.46
N VAL A 298 -10.24 -8.47 -7.70
CA VAL A 298 -11.39 -7.65 -8.06
C VAL A 298 -12.65 -8.22 -7.42
N VAL A 299 -12.85 -9.53 -7.53
CA VAL A 299 -13.94 -10.20 -6.81
C VAL A 299 -13.85 -9.88 -5.32
N ARG A 300 -12.64 -9.83 -4.79
CA ARG A 300 -12.44 -9.59 -3.36
C ARG A 300 -12.97 -8.21 -2.97
N GLN A 301 -12.51 -7.17 -3.65
CA GLN A 301 -12.77 -5.79 -3.27
C GLN A 301 -14.01 -5.21 -3.95
N CYS A 302 -14.89 -6.07 -4.48
CA CYS A 302 -16.15 -5.63 -5.09
C CYS A 302 -17.31 -6.52 -4.64
N SER B 2 12.54 4.65 -12.17
CA SER B 2 11.33 4.90 -12.95
C SER B 2 10.16 4.10 -12.39
N SER B 3 10.48 3.06 -11.62
CA SER B 3 9.47 2.20 -11.01
C SER B 3 9.63 2.03 -9.51
N GLY B 4 10.70 2.55 -8.91
CA GLY B 4 10.99 2.31 -7.50
C GLY B 4 10.27 3.23 -6.54
N PHE B 5 9.08 3.71 -6.92
CA PHE B 5 8.34 4.65 -6.08
C PHE B 5 6.85 4.33 -6.15
N ARG B 6 6.32 3.72 -5.08
CA ARG B 6 4.92 3.32 -5.00
C ARG B 6 4.25 3.99 -3.82
N LYS B 7 2.92 4.05 -3.88
CA LYS B 7 2.15 4.40 -2.70
C LYS B 7 2.47 3.41 -1.59
N MET B 8 3.06 3.91 -0.51
CA MET B 8 3.52 3.07 0.58
C MET B 8 2.75 3.44 1.84
N ALA B 9 2.11 2.45 2.47
CA ALA B 9 1.41 2.68 3.72
C ALA B 9 2.34 2.46 4.90
N PHE B 10 1.95 2.99 6.06
CA PHE B 10 2.66 2.68 7.29
C PHE B 10 2.42 1.21 7.66
N PRO B 11 3.41 0.55 8.27
CA PRO B 11 3.12 -0.77 8.87
C PRO B 11 1.96 -0.62 9.85
N SER B 12 1.00 -1.53 9.76
CA SER B 12 -0.26 -1.35 10.48
C SER B 12 -0.38 -2.17 11.76
N GLY B 13 0.67 -2.88 12.16
CA GLY B 13 0.53 -3.83 13.25
C GLY B 13 0.09 -3.20 14.56
N LYS B 14 0.63 -2.02 14.88
CA LYS B 14 0.25 -1.33 16.11
C LYS B 14 -1.25 -0.99 16.14
N VAL B 15 -1.84 -0.69 14.98
CA VAL B 15 -3.26 -0.34 14.96
C VAL B 15 -4.12 -1.60 14.93
N GLU B 16 -3.63 -2.67 14.28
CA GLU B 16 -4.42 -3.90 14.21
C GLU B 16 -4.76 -4.41 15.59
N GLY B 17 -3.82 -4.27 16.54
CA GLY B 17 -4.06 -4.70 17.91
C GLY B 17 -5.06 -3.86 18.67
N CYS B 18 -5.60 -2.82 18.05
CA CYS B 18 -6.57 -1.94 18.68
C CYS B 18 -7.99 -2.09 18.11
N MET B 19 -8.18 -2.84 17.05
CA MET B 19 -9.48 -2.88 16.38
C MET B 19 -10.40 -3.90 17.05
N VAL B 20 -11.64 -3.49 17.32
CA VAL B 20 -12.64 -4.34 17.94
C VAL B 20 -13.95 -4.21 17.16
N GLN B 21 -14.85 -5.15 17.40
CA GLN B 21 -16.19 -5.10 16.85
C GLN B 21 -17.15 -4.47 17.86
N VAL B 22 -17.99 -3.55 17.39
CA VAL B 22 -19.01 -2.93 18.24
C VAL B 22 -20.38 -3.18 17.62
N THR B 23 -21.31 -3.70 18.42
CA THR B 23 -22.66 -4.00 17.97
C THR B 23 -23.66 -3.34 18.90
N CYS B 24 -24.65 -2.66 18.33
CA CYS B 24 -25.78 -2.11 19.09
C CYS B 24 -27.04 -2.45 18.31
N GLY B 25 -27.83 -3.37 18.83
CA GLY B 25 -29.02 -3.79 18.09
C GLY B 25 -28.61 -4.57 16.86
N THR B 26 -29.10 -4.15 15.69
CA THR B 26 -28.78 -4.81 14.44
C THR B 26 -27.61 -4.16 13.71
N THR B 27 -27.03 -3.10 14.26
CA THR B 27 -25.93 -2.38 13.62
C THR B 27 -24.61 -2.86 14.21
N THR B 28 -23.69 -3.25 13.33
CA THR B 28 -22.34 -3.66 13.71
C THR B 28 -21.34 -2.81 12.93
N LEU B 29 -20.36 -2.24 13.63
CA LEU B 29 -19.26 -1.58 12.95
C LEU B 29 -17.97 -1.78 13.76
N ASN B 30 -16.96 -0.99 13.44
CA ASN B 30 -15.63 -1.13 14.02
C ASN B 30 -15.42 -0.13 15.15
N GLY B 31 -14.61 -0.52 16.12
CA GLY B 31 -14.23 0.35 17.20
C GLY B 31 -12.73 0.32 17.40
N LEU B 32 -12.23 1.37 18.04
CA LEU B 32 -10.80 1.55 18.32
C LEU B 32 -10.60 1.50 19.83
N TRP B 33 -9.91 0.46 20.31
CA TRP B 33 -9.77 0.20 21.74
C TRP B 33 -8.40 0.72 22.19
N LEU B 34 -8.39 1.82 22.95
CA LEU B 34 -7.16 2.42 23.44
C LEU B 34 -7.33 2.65 24.92
N ASP B 35 -6.34 2.23 25.71
CA ASP B 35 -6.46 2.28 27.17
C ASP B 35 -7.75 1.53 27.53
N ASP B 36 -8.65 2.09 28.34
CA ASP B 36 -9.89 1.43 28.70
C ASP B 36 -11.11 2.07 28.03
N VAL B 37 -10.96 2.55 26.80
CA VAL B 37 -12.06 3.20 26.08
C VAL B 37 -12.09 2.68 24.65
N VAL B 38 -13.28 2.40 24.14
CA VAL B 38 -13.47 2.02 22.74
C VAL B 38 -14.14 3.20 22.05
N TYR B 39 -13.50 3.71 21.00
CA TYR B 39 -14.04 4.80 20.20
C TYR B 39 -14.68 4.26 18.92
N CYS B 40 -15.87 4.76 18.57
CA CYS B 40 -16.51 4.32 17.34
C CYS B 40 -17.52 5.38 16.92
N PRO B 41 -18.05 5.31 15.70
CA PRO B 41 -19.00 6.34 15.25
C PRO B 41 -20.27 6.31 16.09
N ARG B 42 -20.81 7.49 16.39
CA ARG B 42 -22.01 7.49 17.21
C ARG B 42 -23.23 6.92 16.47
N HIS B 43 -23.20 6.84 15.14
CA HIS B 43 -24.37 6.33 14.45
C HIS B 43 -24.51 4.82 14.56
N VAL B 44 -23.63 4.15 15.32
CA VAL B 44 -23.87 2.77 15.70
C VAL B 44 -25.15 2.61 16.51
N ILE B 45 -25.64 3.67 17.18
CA ILE B 45 -26.88 3.55 17.93
C ILE B 45 -28.11 3.75 17.06
N CYS B 46 -27.94 3.96 15.75
CA CYS B 46 -29.05 4.20 14.83
C CYS B 46 -29.33 2.97 13.99
N THR B 47 -30.61 2.61 13.88
CA THR B 47 -31.04 1.77 12.77
C THR B 47 -30.91 2.56 11.47
N SER B 48 -31.08 1.86 10.35
CA SER B 48 -31.14 2.56 9.07
C SER B 48 -32.31 3.54 9.02
N GLU B 49 -33.26 3.43 9.96
CA GLU B 49 -34.43 4.29 10.03
C GLU B 49 -34.13 5.54 10.85
N ASP B 50 -33.45 5.37 11.98
CA ASP B 50 -33.03 6.53 12.76
C ASP B 50 -32.17 7.46 11.93
N MET B 51 -31.40 6.90 11.00
CA MET B 51 -30.42 7.67 10.25
C MET B 51 -31.06 8.74 9.37
N LEU B 52 -32.38 8.64 9.11
CA LEU B 52 -33.04 9.64 8.29
C LEU B 52 -33.05 11.00 8.97
N ASN B 53 -33.33 11.04 10.27
CA ASN B 53 -33.29 12.28 11.05
C ASN B 53 -32.99 11.95 12.50
N PRO B 54 -31.75 11.62 12.82
CA PRO B 54 -31.43 11.13 14.16
C PRO B 54 -31.30 12.25 15.18
N ASN B 55 -31.81 11.96 16.38
CA ASN B 55 -31.58 12.80 17.57
C ASN B 55 -30.67 11.97 18.47
N TYR B 56 -29.37 12.29 18.46
CA TYR B 56 -28.41 11.35 19.01
C TYR B 56 -28.47 11.28 20.53
N GLU B 57 -28.66 12.42 21.21
CA GLU B 57 -28.73 12.33 22.67
C GLU B 57 -29.99 11.61 23.10
N ASP B 58 -31.05 11.71 22.31
CA ASP B 58 -32.28 10.99 22.60
C ASP B 58 -32.06 9.49 22.47
N LEU B 59 -31.49 9.04 21.34
CA LEU B 59 -31.29 7.61 21.12
C LEU B 59 -30.30 7.01 22.11
N LEU B 60 -29.39 7.82 22.66
CA LEU B 60 -28.35 7.28 23.53
C LEU B 60 -28.82 7.09 24.97
N ILE B 61 -29.71 7.95 25.49
CA ILE B 61 -30.21 7.75 26.84
C ILE B 61 -31.10 6.50 26.92
N ARG B 62 -31.58 6.01 25.77
CA ARG B 62 -32.30 4.75 25.68
C ARG B 62 -31.44 3.54 26.03
N LYS B 63 -30.11 3.69 26.02
CA LYS B 63 -29.19 2.57 25.99
C LYS B 63 -28.58 2.34 27.37
N SER B 64 -28.58 1.09 27.81
CA SER B 64 -27.75 0.69 28.93
C SER B 64 -26.37 0.31 28.40
N ASN B 65 -25.41 0.19 29.33
CA ASN B 65 -24.10 -0.31 28.95
C ASN B 65 -24.21 -1.67 28.26
N HIS B 66 -25.16 -2.51 28.69
CA HIS B 66 -25.30 -3.84 28.10
C HIS B 66 -25.93 -3.80 26.71
N ASN B 67 -26.39 -2.63 26.24
CA ASN B 67 -26.83 -2.53 24.86
C ASN B 67 -25.65 -2.47 23.88
N PHE B 68 -24.42 -2.37 24.36
CA PHE B 68 -23.25 -2.32 23.51
C PHE B 68 -22.47 -3.60 23.68
N LEU B 69 -22.39 -4.40 22.60
CA LEU B 69 -21.61 -5.62 22.58
C LEU B 69 -20.27 -5.32 21.90
N VAL B 70 -19.20 -5.37 22.67
CA VAL B 70 -17.86 -5.11 22.17
C VAL B 70 -17.08 -6.41 22.21
N GLN B 71 -16.51 -6.80 21.07
CA GLN B 71 -15.77 -8.05 20.99
C GLN B 71 -14.38 -7.77 20.46
N ALA B 72 -13.39 -8.15 21.24
CA ALA B 72 -11.99 -8.08 20.85
C ALA B 72 -11.57 -9.50 20.50
N GLY B 73 -11.49 -9.79 19.20
CA GLY B 73 -11.28 -11.16 18.76
C GLY B 73 -12.43 -12.04 19.21
N ASN B 74 -12.17 -12.95 20.12
CA ASN B 74 -13.24 -13.80 20.64
C ASN B 74 -13.52 -13.53 22.11
N VAL B 75 -13.05 -12.40 22.65
CA VAL B 75 -13.34 -12.01 24.02
C VAL B 75 -14.32 -10.86 24.03
N GLN B 76 -15.40 -11.01 24.79
CA GLN B 76 -16.39 -9.96 24.97
C GLN B 76 -15.87 -8.98 26.03
N LEU B 77 -15.85 -7.70 25.70
CA LEU B 77 -15.40 -6.68 26.64
C LEU B 77 -16.60 -6.15 27.43
N ARG B 78 -16.42 -6.01 28.74
CA ARG B 78 -17.48 -5.51 29.61
C ARG B 78 -17.52 -3.99 29.54
N VAL B 79 -18.66 -3.44 29.12
CA VAL B 79 -18.86 -1.99 29.00
C VAL B 79 -19.35 -1.46 30.33
N ILE B 80 -18.64 -0.48 30.90
CA ILE B 80 -18.98 0.04 32.22
C ILE B 80 -19.30 1.54 32.17
N GLY B 81 -19.36 2.12 30.99
CA GLY B 81 -19.79 3.50 30.84
C GLY B 81 -19.89 3.84 29.38
N HIS B 82 -20.70 4.87 29.07
CA HIS B 82 -20.82 5.32 27.70
C HIS B 82 -21.11 6.81 27.69
N SER B 83 -20.54 7.48 26.71
CA SER B 83 -20.77 8.91 26.53
C SER B 83 -20.41 9.27 25.10
N MET B 84 -20.77 10.48 24.72
CA MET B 84 -20.61 11.00 23.38
C MET B 84 -19.68 12.21 23.41
N GLN B 85 -18.75 12.28 22.46
CA GLN B 85 -17.99 13.49 22.18
C GLN B 85 -18.15 13.80 20.69
N ASN B 86 -18.88 14.86 20.38
CA ASN B 86 -19.12 15.22 18.98
C ASN B 86 -19.73 14.01 18.29
N CYS B 87 -19.21 13.56 17.15
CA CYS B 87 -19.83 12.45 16.44
C CYS B 87 -19.19 11.11 16.78
N VAL B 88 -18.47 11.03 17.89
CA VAL B 88 -17.82 9.80 18.34
C VAL B 88 -18.44 9.33 19.64
N LEU B 89 -18.73 8.03 19.72
CA LEU B 89 -19.17 7.40 20.95
C LEU B 89 -17.96 6.83 21.68
N LYS B 90 -17.93 7.00 23.00
CA LYS B 90 -16.83 6.51 23.82
C LYS B 90 -17.39 5.50 24.80
N LEU B 91 -16.96 4.24 24.65
CA LEU B 91 -17.44 3.15 25.48
C LEU B 91 -16.34 2.81 26.46
N LYS B 92 -16.54 3.14 27.74
CA LYS B 92 -15.57 2.76 28.75
C LYS B 92 -15.75 1.28 29.05
N VAL B 93 -14.64 0.54 29.06
CA VAL B 93 -14.65 -0.90 29.31
C VAL B 93 -13.83 -1.19 30.57
N ASP B 94 -13.99 -2.40 31.10
CA ASP B 94 -13.41 -2.68 32.40
C ASP B 94 -11.95 -3.11 32.32
N THR B 95 -11.40 -3.22 31.10
CA THR B 95 -10.05 -3.72 30.86
C THR B 95 -9.31 -2.77 29.93
N ALA B 96 -8.11 -2.36 30.33
CA ALA B 96 -7.26 -1.57 29.44
C ALA B 96 -6.62 -2.46 28.39
N ASN B 97 -6.60 -1.98 27.14
CA ASN B 97 -6.01 -2.74 26.06
C ASN B 97 -4.52 -2.92 26.32
N PRO B 98 -4.05 -4.15 26.57
CA PRO B 98 -2.61 -4.34 26.82
C PRO B 98 -1.76 -4.10 25.59
N LYS B 99 -2.36 -4.03 24.41
CA LYS B 99 -1.64 -3.70 23.19
C LYS B 99 -1.74 -2.21 22.82
N THR B 100 -2.24 -1.36 23.71
CA THR B 100 -2.30 0.08 23.44
C THR B 100 -0.91 0.58 23.06
N PRO B 101 -0.73 1.15 21.87
CA PRO B 101 0.58 1.71 21.51
C PRO B 101 0.73 3.10 22.10
N LYS B 102 1.94 3.66 22.01
CA LYS B 102 2.06 5.07 22.26
C LYS B 102 1.28 5.79 21.16
N TYR B 103 0.38 6.70 21.55
CA TYR B 103 -0.46 7.33 20.54
C TYR B 103 -0.87 8.73 20.98
N LYS B 104 -1.29 9.53 19.99
CA LYS B 104 -2.02 10.75 20.24
C LYS B 104 -3.11 10.89 19.19
N PHE B 105 -4.06 11.78 19.46
CA PHE B 105 -5.10 12.18 18.51
C PHE B 105 -4.69 13.51 17.89
N VAL B 106 -4.66 13.56 16.56
CA VAL B 106 -4.29 14.77 15.83
C VAL B 106 -5.34 15.02 14.75
N ARG B 107 -5.56 16.30 14.44
CA ARG B 107 -6.39 16.66 13.30
C ARG B 107 -5.48 17.12 12.18
N ILE B 108 -5.65 16.58 10.99
CA ILE B 108 -4.77 16.89 9.88
C ILE B 108 -5.40 17.98 9.03
N GLN B 109 -4.60 18.56 8.10
CA GLN B 109 -5.01 19.56 7.14
C GLN B 109 -5.28 18.90 5.78
N PRO B 110 -6.14 19.47 4.96
CA PRO B 110 -6.30 18.93 3.60
C PRO B 110 -4.97 18.94 2.86
N GLY B 111 -4.75 17.91 2.06
CA GLY B 111 -3.46 17.69 1.44
C GLY B 111 -2.54 16.76 2.21
N GLN B 112 -2.73 16.59 3.51
CA GLN B 112 -1.89 15.69 4.26
C GLN B 112 -2.36 14.25 4.05
N THR B 113 -1.44 13.31 4.16
CA THR B 113 -1.69 11.91 3.86
C THR B 113 -1.67 11.06 5.13
N PHE B 114 -2.21 9.86 5.02
CA PHE B 114 -2.24 8.91 6.13
C PHE B 114 -2.60 7.53 5.60
N SER B 115 -2.34 6.52 6.43
CA SER B 115 -2.77 5.15 6.10
C SER B 115 -4.09 4.85 6.78
N VAL B 116 -4.98 4.18 6.05
CA VAL B 116 -6.25 3.72 6.59
C VAL B 116 -6.18 2.21 6.72
N LEU B 117 -6.52 1.70 7.89
CA LEU B 117 -6.65 0.26 8.13
C LEU B 117 -8.13 -0.07 7.94
N ALA B 118 -8.49 -0.53 6.74
CA ALA B 118 -9.87 -0.92 6.47
C ALA B 118 -10.19 -2.18 7.24
N CYS B 119 -11.28 -2.14 8.01
CA CYS B 119 -11.77 -3.27 8.78
C CYS B 119 -13.25 -3.49 8.51
N TYR B 120 -13.69 -4.72 8.77
CA TYR B 120 -15.09 -5.09 8.69
C TYR B 120 -15.35 -6.00 9.88
N ASN B 121 -16.43 -5.72 10.63
CA ASN B 121 -16.79 -6.50 11.81
C ASN B 121 -15.61 -6.63 12.78
N GLY B 122 -14.84 -5.56 12.90
CA GLY B 122 -13.72 -5.54 13.83
C GLY B 122 -12.47 -6.22 13.35
N SER B 123 -12.46 -6.78 12.14
CA SER B 123 -11.30 -7.52 11.64
C SER B 123 -10.56 -6.71 10.59
N PRO B 124 -9.26 -6.49 10.77
CA PRO B 124 -8.48 -5.76 9.75
C PRO B 124 -8.45 -6.53 8.43
N SER B 125 -8.79 -5.83 7.36
CA SER B 125 -8.94 -6.41 6.04
C SER B 125 -7.90 -5.92 5.04
N GLY B 126 -7.47 -4.67 5.13
CA GLY B 126 -6.48 -4.14 4.21
C GLY B 126 -5.96 -2.82 4.72
N VAL B 127 -4.89 -2.35 4.10
CA VAL B 127 -4.32 -1.06 4.46
C VAL B 127 -3.98 -0.31 3.17
N TYR B 128 -4.23 0.99 3.16
CA TYR B 128 -3.93 1.78 1.98
C TYR B 128 -3.61 3.22 2.38
N GLN B 129 -2.78 3.85 1.56
CA GLN B 129 -2.31 5.20 1.78
C GLN B 129 -3.20 6.13 0.96
N CYS B 130 -3.66 7.22 1.58
CA CYS B 130 -4.53 8.16 0.88
C CYS B 130 -4.26 9.56 1.42
N ALA B 131 -4.88 10.55 0.78
CA ALA B 131 -4.77 11.95 1.18
C ALA B 131 -6.15 12.49 1.56
N MET B 132 -6.17 13.39 2.55
CA MET B 132 -7.33 14.23 2.79
C MET B 132 -7.44 15.21 1.61
N ARG B 133 -8.47 15.04 0.77
CA ARG B 133 -8.62 15.90 -0.40
C ARG B 133 -8.88 17.35 0.05
N PRO B 134 -8.57 18.33 -0.81
CA PRO B 134 -8.93 19.72 -0.47
C PRO B 134 -10.42 19.91 -0.21
N ASN B 135 -11.29 19.07 -0.79
CA ASN B 135 -12.71 19.14 -0.50
C ASN B 135 -13.10 18.25 0.68
N PHE B 136 -12.09 17.80 1.45
CA PHE B 136 -12.26 17.09 2.73
C PHE B 136 -12.91 15.73 2.59
N THR B 137 -12.87 15.14 1.42
CA THR B 137 -13.24 13.75 1.26
C THR B 137 -12.02 12.86 1.13
N ILE B 138 -12.27 11.55 1.15
CA ILE B 138 -11.27 10.51 0.93
C ILE B 138 -11.76 9.64 -0.21
N LYS B 139 -10.89 9.40 -1.19
CA LYS B 139 -11.17 8.38 -2.20
C LYS B 139 -10.59 7.06 -1.71
N GLY B 140 -11.46 6.07 -1.48
CA GLY B 140 -11.02 4.82 -0.89
C GLY B 140 -11.93 3.64 -1.17
N SER B 141 -11.74 2.58 -0.38
CA SER B 141 -12.51 1.34 -0.51
C SER B 141 -14.01 1.56 -0.38
N SER B 146 -15.31 0.21 5.98
CA SER B 146 -16.44 0.11 6.91
C SER B 146 -16.30 1.12 8.05
N ALA B 147 -17.44 1.63 8.51
CA ALA B 147 -17.44 2.72 9.47
C ALA B 147 -16.69 2.32 10.74
N GLY B 148 -15.94 3.27 11.30
CA GLY B 148 -15.10 2.99 12.44
C GLY B 148 -13.68 2.59 12.11
N SER B 149 -13.38 2.26 10.86
CA SER B 149 -11.99 2.11 10.42
C SER B 149 -11.26 3.43 10.61
N VAL B 150 -9.97 3.36 10.94
CA VAL B 150 -9.28 4.60 11.30
C VAL B 150 -8.10 4.86 10.37
N GLY B 151 -7.67 6.13 10.35
CA GLY B 151 -6.50 6.54 9.61
C GLY B 151 -5.45 7.09 10.55
N PHE B 152 -4.18 6.94 10.17
CA PHE B 152 -3.11 7.25 11.11
C PHE B 152 -1.81 7.52 10.37
N ASN B 153 -0.90 8.19 11.08
CA ASN B 153 0.50 8.28 10.72
C ASN B 153 1.31 7.73 11.89
N ILE B 154 2.55 7.35 11.63
CA ILE B 154 3.47 6.98 12.70
C ILE B 154 4.66 7.92 12.63
N ASP B 155 5.23 8.25 13.78
CA ASP B 155 6.33 9.20 13.84
C ASP B 155 7.67 8.55 14.19
N TYR B 156 7.72 7.71 15.22
CA TYR B 156 8.78 6.70 15.33
C TYR B 156 8.18 5.47 16.01
N ASP B 157 7.71 5.64 17.25
CA ASP B 157 6.87 4.66 17.91
C ASP B 157 5.49 5.21 18.25
N CYS B 158 5.21 6.48 17.93
CA CYS B 158 3.96 7.11 18.31
C CYS B 158 2.99 7.09 17.14
N VAL B 159 1.82 6.49 17.34
CA VAL B 159 0.76 6.46 16.35
C VAL B 159 -0.07 7.73 16.50
N SER B 160 -0.15 8.52 15.44
CA SER B 160 -1.00 9.70 15.44
C SER B 160 -2.26 9.33 14.68
N PHE B 161 -3.34 9.09 15.41
CA PHE B 161 -4.67 8.85 14.83
C PHE B 161 -5.29 10.16 14.37
N CYS B 162 -5.70 10.21 13.11
CA CYS B 162 -6.22 11.44 12.52
C CYS B 162 -7.59 11.29 11.87
N TYR B 163 -8.10 10.07 11.67
CA TYR B 163 -9.31 9.90 10.89
C TYR B 163 -10.09 8.70 11.41
N MET B 164 -11.41 8.82 11.42
CA MET B 164 -12.30 7.68 11.61
C MET B 164 -13.39 7.76 10.55
N HIS B 165 -13.56 6.67 9.82
CA HIS B 165 -14.53 6.63 8.73
C HIS B 165 -15.96 6.56 9.28
N HIS B 166 -16.87 7.35 8.70
CA HIS B 166 -18.28 7.32 9.11
C HIS B 166 -19.25 7.00 7.98
N MET B 167 -19.16 7.69 6.86
CA MET B 167 -20.22 7.75 5.85
C MET B 167 -19.64 7.52 4.46
N GLU B 168 -20.41 6.88 3.60
CA GLU B 168 -20.08 6.82 2.18
C GLU B 168 -21.01 7.76 1.41
N LEU B 169 -20.39 8.68 0.55
CA LEU B 169 -21.04 9.72 -0.23
C LEU B 169 -21.46 9.20 -1.59
N PRO B 170 -22.53 9.77 -2.17
CA PRO B 170 -23.08 9.23 -3.43
C PRO B 170 -22.08 9.12 -4.56
N THR B 171 -20.98 9.86 -4.54
CA THR B 171 -19.94 9.66 -5.54
C THR B 171 -18.99 8.53 -5.20
N GLY B 172 -19.22 7.82 -4.09
CA GLY B 172 -18.33 6.77 -3.65
C GLY B 172 -17.20 7.22 -2.74
N VAL B 173 -16.89 8.52 -2.71
CA VAL B 173 -15.91 9.04 -1.77
C VAL B 173 -16.44 8.91 -0.34
N HIS B 174 -15.52 9.01 0.61
CA HIS B 174 -15.82 8.77 2.02
C HIS B 174 -15.69 10.06 2.83
N ALA B 175 -16.51 10.16 3.87
CA ALA B 175 -16.46 11.25 4.83
C ALA B 175 -16.30 10.69 6.24
N GLY B 176 -15.57 11.41 7.07
CA GLY B 176 -15.29 10.95 8.40
C GLY B 176 -14.88 12.09 9.31
N THR B 177 -14.47 11.72 10.52
CA THR B 177 -14.16 12.68 11.58
C THR B 177 -12.71 12.50 12.01
N ASP B 178 -12.22 13.40 12.86
CA ASP B 178 -11.03 13.06 13.61
C ASP B 178 -11.44 12.20 14.80
N LEU B 179 -10.49 11.87 15.68
CA LEU B 179 -10.82 10.93 16.75
C LEU B 179 -11.49 11.61 17.93
N GLU B 180 -11.66 12.93 17.87
CA GLU B 180 -12.53 13.63 18.80
C GLU B 180 -13.91 13.89 18.20
N GLY B 181 -14.22 13.26 17.07
CA GLY B 181 -15.56 13.29 16.51
C GLY B 181 -15.93 14.51 15.69
N ASN B 182 -14.98 15.37 15.34
CA ASN B 182 -15.24 16.53 14.49
C ASN B 182 -15.11 16.14 13.02
N PHE B 183 -16.14 16.42 12.23
CA PHE B 183 -16.11 16.04 10.83
C PHE B 183 -15.04 16.82 10.09
N TYR B 184 -14.43 16.13 9.13
CA TYR B 184 -13.68 16.78 8.06
C TYR B 184 -14.68 17.13 6.95
N GLY B 185 -14.79 18.41 6.61
CA GLY B 185 -15.66 18.80 5.53
C GLY B 185 -17.07 19.09 5.98
N PRO B 186 -17.87 19.69 5.07
CA PRO B 186 -19.21 20.15 5.43
C PRO B 186 -20.25 19.04 5.41
N PHE B 187 -19.96 17.95 6.12
CA PHE B 187 -20.77 16.74 6.11
C PHE B 187 -21.33 16.47 7.50
N VAL B 188 -22.46 15.75 7.56
CA VAL B 188 -23.11 15.41 8.82
C VAL B 188 -23.44 13.91 8.81
N ASP B 189 -23.55 13.33 10.00
CA ASP B 189 -23.82 11.88 10.09
C ASP B 189 -25.33 11.67 10.12
N ARG B 190 -25.92 11.92 8.96
CA ARG B 190 -27.34 11.80 8.72
C ARG B 190 -27.49 11.26 7.31
N GLN B 191 -28.45 10.37 7.11
CA GLN B 191 -28.72 9.94 5.74
C GLN B 191 -29.57 11.02 5.09
N THR B 192 -28.93 11.80 4.22
CA THR B 192 -29.54 12.99 3.64
C THR B 192 -28.75 13.34 2.38
N ALA B 193 -29.30 14.27 1.61
CA ALA B 193 -28.63 14.73 0.39
C ALA B 193 -27.40 15.55 0.76
N GLN B 194 -26.22 14.99 0.51
CA GLN B 194 -24.99 15.75 0.64
C GLN B 194 -24.03 15.28 -0.43
N ALA B 195 -23.15 16.19 -0.83
CA ALA B 195 -22.24 15.94 -1.95
C ALA B 195 -20.95 16.73 -1.73
N ALA B 196 -19.83 16.14 -2.13
CA ALA B 196 -18.56 16.83 -2.03
C ALA B 196 -18.55 18.05 -2.94
N GLY B 197 -17.96 19.14 -2.44
CA GLY B 197 -17.65 20.27 -3.31
C GLY B 197 -16.64 19.89 -4.37
N THR B 198 -16.45 20.81 -5.32
CA THR B 198 -15.49 20.57 -6.37
C THR B 198 -14.09 20.43 -5.77
N ASP B 199 -13.36 19.42 -6.23
CA ASP B 199 -12.04 19.15 -5.70
C ASP B 199 -10.98 19.96 -6.45
N THR B 200 -9.79 20.03 -5.87
CA THR B 200 -8.65 20.68 -6.52
C THR B 200 -7.43 19.82 -6.33
N THR B 201 -6.37 20.10 -7.10
CA THR B 201 -5.14 19.32 -7.04
C THR B 201 -4.18 19.91 -6.01
N ILE B 202 -3.58 19.04 -5.20
CA ILE B 202 -2.70 19.43 -4.09
C ILE B 202 -1.32 19.77 -4.68
N THR B 203 -1.10 21.05 -4.95
CA THR B 203 0.08 21.48 -5.71
C THR B 203 1.39 21.09 -5.02
N VAL B 204 1.51 21.31 -3.70
CA VAL B 204 2.78 21.01 -3.05
C VAL B 204 3.10 19.52 -3.17
N ASN B 205 2.07 18.67 -3.19
CA ASN B 205 2.30 17.23 -3.30
C ASN B 205 2.76 16.84 -4.70
N VAL B 206 2.16 17.46 -5.75
CA VAL B 206 2.64 17.22 -7.10
C VAL B 206 4.13 17.55 -7.19
N LEU B 207 4.52 18.68 -6.63
CA LEU B 207 5.93 19.07 -6.69
C LEU B 207 6.80 18.06 -5.96
N ALA B 208 6.37 17.62 -4.78
CA ALA B 208 7.11 16.58 -4.05
C ALA B 208 7.29 15.34 -4.91
N TRP B 209 6.26 14.96 -5.66
CA TRP B 209 6.33 13.76 -6.50
C TRP B 209 7.23 13.98 -7.71
N LEU B 210 7.28 15.20 -8.25
CA LEU B 210 8.28 15.50 -9.28
C LEU B 210 9.70 15.36 -8.73
N TYR B 211 9.92 15.79 -7.48
CA TYR B 211 11.21 15.56 -6.85
C TYR B 211 11.50 14.08 -6.68
N ALA B 212 10.48 13.30 -6.27
CA ALA B 212 10.67 11.85 -6.18
C ALA B 212 11.04 11.27 -7.54
N ALA B 213 10.46 11.80 -8.61
CA ALA B 213 10.78 11.34 -9.95
C ALA B 213 12.25 11.61 -10.28
N VAL B 214 12.71 12.83 -9.99
CA VAL B 214 14.11 13.16 -10.24
C VAL B 214 15.03 12.24 -9.42
N ILE B 215 14.74 12.10 -8.14
CA ILE B 215 15.54 11.23 -7.27
C ILE B 215 15.66 9.84 -7.89
N ASN B 216 14.61 9.39 -8.57
CA ASN B 216 14.58 8.07 -9.17
C ASN B 216 14.94 8.10 -10.66
N GLY B 217 15.54 9.18 -11.14
CA GLY B 217 16.10 9.21 -12.48
C GLY B 217 15.15 9.60 -13.59
N ASP B 218 13.92 10.01 -13.28
CA ASP B 218 12.96 10.47 -14.28
C ASP B 218 13.08 11.99 -14.37
N ARG B 219 13.73 12.48 -15.41
CA ARG B 219 14.16 13.87 -15.48
C ARG B 219 13.76 14.61 -16.76
N TRP B 220 12.99 13.99 -17.66
CA TRP B 220 12.76 14.60 -18.97
C TRP B 220 12.03 15.93 -18.88
N PHE B 221 11.28 16.17 -17.81
CA PHE B 221 10.47 17.37 -17.63
C PHE B 221 11.23 18.55 -17.05
N LEU B 222 12.46 18.36 -16.60
CA LEU B 222 13.25 19.48 -16.13
C LEU B 222 13.58 20.40 -17.30
N ASN B 223 13.76 21.70 -17.00
CA ASN B 223 14.03 22.65 -18.07
C ASN B 223 14.88 23.78 -17.51
N ARG B 224 15.32 24.65 -18.41
CA ARG B 224 16.21 25.75 -18.07
C ARG B 224 15.51 26.88 -17.31
N PHE B 225 14.18 26.87 -17.24
CA PHE B 225 13.44 28.06 -16.84
C PHE B 225 13.15 28.07 -15.34
N THR B 226 12.88 29.27 -14.84
CA THR B 226 12.33 29.43 -13.50
C THR B 226 11.12 30.33 -13.60
N THR B 227 10.43 30.50 -12.49
CA THR B 227 9.22 31.31 -12.47
C THR B 227 9.15 32.02 -11.13
N THR B 228 8.08 32.79 -10.94
CA THR B 228 7.76 33.40 -9.66
C THR B 228 6.51 32.77 -9.09
N LEU B 229 6.37 32.90 -7.77
CA LEU B 229 5.15 32.47 -7.08
C LEU B 229 3.90 33.08 -7.72
N ASN B 230 3.87 34.40 -7.88
CA ASN B 230 2.71 35.06 -8.48
C ASN B 230 2.43 34.52 -9.88
N ASP B 231 3.48 34.39 -10.70
CA ASP B 231 3.32 33.86 -12.05
C ASP B 231 2.81 32.43 -12.03
N PHE B 232 3.37 31.60 -11.15
CA PHE B 232 2.91 30.21 -11.10
C PHE B 232 1.46 30.12 -10.65
N ASN B 233 1.09 30.86 -9.61
CA ASN B 233 -0.27 30.77 -9.06
C ASN B 233 -1.31 31.22 -10.06
N LEU B 234 -1.00 32.20 -10.91
CA LEU B 234 -1.89 32.55 -12.01
C LEU B 234 -2.20 31.32 -12.86
N VAL B 235 -1.18 30.52 -13.19
CA VAL B 235 -1.40 29.29 -13.94
C VAL B 235 -2.10 28.25 -13.08
N ALA B 236 -1.72 28.16 -11.80
CA ALA B 236 -2.35 27.18 -10.90
C ALA B 236 -3.85 27.38 -10.80
N MET B 237 -4.28 28.63 -10.54
CA MET B 237 -5.71 28.95 -10.52
C MET B 237 -6.39 28.48 -11.79
N LYS B 238 -5.75 28.68 -12.95
CA LYS B 238 -6.33 28.32 -14.23
C LYS B 238 -6.64 26.82 -14.30
N TYR B 239 -5.77 25.99 -13.75
CA TYR B 239 -5.91 24.54 -13.91
C TYR B 239 -6.45 23.85 -12.66
N ASN B 240 -7.08 24.63 -11.76
CA ASN B 240 -7.70 24.09 -10.55
C ASN B 240 -6.67 23.41 -9.66
N TYR B 241 -5.52 24.05 -9.50
CA TYR B 241 -4.49 23.66 -8.54
C TYR B 241 -4.57 24.60 -7.34
N GLU B 242 -4.24 24.07 -6.17
CA GLU B 242 -4.21 24.92 -4.98
C GLU B 242 -3.12 25.97 -5.15
N PRO B 243 -3.33 27.19 -4.64
CA PRO B 243 -2.25 28.18 -4.69
C PRO B 243 -1.05 27.68 -3.93
N LEU B 244 0.14 28.00 -4.43
CA LEU B 244 1.38 27.63 -3.75
C LEU B 244 1.75 28.77 -2.82
N THR B 245 1.82 28.46 -1.53
CA THR B 245 2.20 29.46 -0.53
C THR B 245 3.70 29.36 -0.24
N GLN B 246 4.20 30.37 0.46
CA GLN B 246 5.62 30.37 0.85
C GLN B 246 5.92 29.27 1.85
N ASP B 247 4.96 28.92 2.73
CA ASP B 247 5.21 27.80 3.62
C ASP B 247 5.43 26.52 2.83
N HIS B 248 4.68 26.34 1.74
CA HIS B 248 4.86 25.17 0.88
C HIS B 248 6.25 25.14 0.26
N VAL B 249 6.74 26.30 -0.19
CA VAL B 249 8.08 26.36 -0.73
C VAL B 249 9.10 25.91 0.32
N ASP B 250 8.88 26.29 1.58
CA ASP B 250 9.87 26.01 2.61
C ASP B 250 9.94 24.51 2.92
N ILE B 251 8.78 23.87 3.07
CA ILE B 251 8.81 22.44 3.38
C ILE B 251 9.36 21.62 2.22
N LEU B 252 9.41 22.17 1.00
CA LEU B 252 10.09 21.47 -0.09
C LEU B 252 11.60 21.70 -0.07
N GLY B 253 12.09 22.56 0.81
CA GLY B 253 13.51 22.85 0.93
C GLY B 253 14.40 21.62 0.97
N PRO B 254 14.14 20.67 1.89
CA PRO B 254 14.92 19.43 1.92
C PRO B 254 15.05 18.75 0.57
N LEU B 255 13.92 18.40 -0.07
CA LEU B 255 13.95 17.84 -1.42
C LEU B 255 14.67 18.76 -2.39
N SER B 256 14.40 20.07 -2.29
CA SER B 256 15.09 21.01 -3.18
C SER B 256 16.60 20.94 -2.99
N ALA B 257 17.06 20.57 -1.78
CA ALA B 257 18.49 20.46 -1.52
C ALA B 257 19.03 19.11 -1.97
N GLN B 258 18.36 18.01 -1.59
CA GLN B 258 18.83 16.68 -1.95
C GLN B 258 19.00 16.51 -3.47
N THR B 259 18.15 17.17 -4.25
CA THR B 259 18.25 17.11 -5.71
C THR B 259 18.98 18.29 -6.30
N GLY B 260 19.23 19.34 -5.50
CA GLY B 260 19.78 20.57 -6.04
C GLY B 260 18.95 21.19 -7.15
N ILE B 261 17.63 21.28 -6.94
CA ILE B 261 16.72 21.89 -7.91
C ILE B 261 15.78 22.81 -7.15
N ALA B 262 15.89 24.11 -7.39
CA ALA B 262 15.08 25.09 -6.66
C ALA B 262 13.59 24.82 -6.87
N VAL B 263 12.79 25.18 -5.85
CA VAL B 263 11.35 24.95 -5.93
C VAL B 263 10.75 25.71 -7.11
N LEU B 264 11.13 26.99 -7.26
CA LEU B 264 10.58 27.74 -8.39
C LEU B 264 11.11 27.24 -9.72
N ASP B 265 12.32 26.66 -9.72
CA ASP B 265 12.81 25.90 -10.87
C ASP B 265 11.86 24.74 -11.21
N MET B 266 11.53 23.91 -10.21
CA MET B 266 10.58 22.84 -10.44
C MET B 266 9.18 23.37 -10.79
N CYS B 267 8.78 24.51 -10.21
CA CYS B 267 7.51 25.11 -10.59
C CYS B 267 7.46 25.43 -12.08
N ALA B 268 8.59 25.83 -12.66
CA ALA B 268 8.62 26.08 -14.09
C ALA B 268 8.36 24.79 -14.87
N SER B 269 8.84 23.65 -14.36
CA SER B 269 8.51 22.38 -15.00
C SER B 269 7.02 22.11 -14.91
N LEU B 270 6.45 22.26 -13.72
CA LEU B 270 5.03 21.98 -13.51
C LEU B 270 4.14 22.90 -14.34
N LYS B 271 4.46 24.19 -14.35
CA LYS B 271 3.73 25.11 -15.23
C LYS B 271 3.70 24.58 -16.66
N GLU B 272 4.87 24.18 -17.18
CA GLU B 272 4.95 23.67 -18.55
C GLU B 272 4.16 22.38 -18.72
N LEU B 273 4.22 21.49 -17.74
CA LEU B 273 3.44 20.26 -17.81
C LEU B 273 1.96 20.56 -17.85
N LEU B 274 1.51 21.55 -17.08
CA LEU B 274 0.09 21.90 -17.06
C LEU B 274 -0.34 22.49 -18.40
N GLN B 275 0.51 23.34 -18.97
CA GLN B 275 0.14 24.06 -20.18
C GLN B 275 0.25 23.19 -21.43
N ASN B 276 1.11 22.19 -21.44
CA ASN B 276 1.38 21.41 -22.65
C ASN B 276 1.15 19.91 -22.51
N GLY B 277 0.73 19.42 -21.35
CA GLY B 277 0.56 17.99 -21.19
C GLY B 277 1.90 17.28 -21.15
N MET B 278 1.81 15.95 -21.17
CA MET B 278 2.99 15.10 -21.09
C MET B 278 3.48 14.61 -22.45
N ASN B 279 2.74 14.89 -23.53
CA ASN B 279 3.10 14.47 -24.89
C ASN B 279 3.44 12.97 -24.96
N GLY B 280 2.51 12.15 -24.47
CA GLY B 280 2.67 10.72 -24.55
C GLY B 280 3.69 10.11 -23.61
N ARG B 281 4.36 10.92 -22.79
CA ARG B 281 5.34 10.38 -21.86
C ARG B 281 4.69 10.10 -20.50
N THR B 282 5.45 9.44 -19.63
CA THR B 282 5.01 9.17 -18.27
C THR B 282 6.06 9.65 -17.29
N ILE B 283 5.64 9.78 -16.03
CA ILE B 283 6.51 10.15 -14.93
C ILE B 283 6.26 9.12 -13.83
N LEU B 284 7.32 8.41 -13.44
CA LEU B 284 7.21 7.34 -12.44
C LEU B 284 6.08 6.37 -12.82
N GLY B 285 5.97 6.09 -14.11
CA GLY B 285 4.96 5.15 -14.59
C GLY B 285 3.53 5.66 -14.57
N SER B 286 3.33 6.97 -14.45
CA SER B 286 1.98 7.52 -14.39
C SER B 286 1.79 8.53 -15.52
N ALA B 287 0.62 8.46 -16.17
CA ALA B 287 0.27 9.43 -17.20
C ALA B 287 -0.39 10.68 -16.62
N LEU B 288 -0.75 10.65 -15.35
CA LEU B 288 -1.28 11.77 -14.61
C LEU B 288 -0.26 12.29 -13.61
N LEU B 289 -0.42 13.55 -13.22
CA LEU B 289 0.38 14.16 -12.16
C LEU B 289 -0.18 13.74 -10.80
N GLU B 290 0.61 12.99 -10.03
CA GLU B 290 0.13 12.44 -8.76
C GLU B 290 0.24 13.44 -7.63
N ASP B 291 -0.82 13.55 -6.81
CA ASP B 291 -0.82 14.53 -5.73
C ASP B 291 -1.12 13.93 -4.35
N GLU B 292 -0.93 12.62 -4.15
CA GLU B 292 -1.11 12.07 -2.80
C GLU B 292 0.19 11.59 -2.17
N PHE B 293 1.31 12.25 -2.51
CA PHE B 293 2.57 12.08 -1.79
C PHE B 293 2.98 13.42 -1.22
N THR B 294 3.12 13.51 0.10
CA THR B 294 3.63 14.73 0.70
C THR B 294 5.15 14.79 0.56
N PRO B 295 5.75 15.97 0.79
CA PRO B 295 7.23 16.04 0.85
C PRO B 295 7.83 15.04 1.80
N PHE B 296 7.26 14.88 3.00
CA PHE B 296 7.83 13.90 3.92
C PHE B 296 7.56 12.47 3.47
N ASP B 297 6.42 12.19 2.83
CA ASP B 297 6.19 10.86 2.25
C ASP B 297 7.34 10.47 1.34
N VAL B 298 7.81 11.43 0.53
CA VAL B 298 8.86 11.15 -0.43
C VAL B 298 10.17 10.85 0.30
N VAL B 299 10.53 11.69 1.27
CA VAL B 299 11.74 11.45 2.06
C VAL B 299 11.66 10.10 2.76
N ARG B 300 10.50 9.79 3.35
CA ARG B 300 10.35 8.55 4.10
C ARG B 300 10.60 7.32 3.23
N GLN B 301 10.05 7.32 2.02
CA GLN B 301 10.22 6.19 1.13
C GLN B 301 11.62 6.15 0.52
N CYS B 302 12.15 7.31 0.11
CA CYS B 302 13.44 7.33 -0.58
C CYS B 302 14.61 7.14 0.39
N SER B 303 14.43 7.41 1.68
CA SER B 303 15.47 7.26 2.68
C SER B 303 15.34 6.02 3.54
N GLY B 304 14.27 5.23 3.38
CA GLY B 304 14.12 4.02 4.16
C GLY B 304 13.94 4.23 5.65
N VAL B 305 13.18 5.25 6.04
CA VAL B 305 12.87 5.48 7.45
C VAL B 305 12.08 4.29 8.02
N THR B 306 12.44 3.84 9.22
CA THR B 306 11.77 2.70 9.83
C THR B 306 11.09 3.09 11.13
N PHE B 307 10.26 2.18 11.64
CA PHE B 307 9.45 2.44 12.82
C PHE B 307 9.58 1.32 13.86
N GLU C 1 25.78 -2.57 -12.67
CA GLU C 1 25.67 -4.00 -12.37
C GLU C 1 24.49 -4.26 -11.44
N PRO C 2 23.96 -5.49 -11.42
CA PRO C 2 22.99 -5.84 -10.39
C PRO C 2 23.61 -5.68 -9.00
N ARG C 3 22.75 -5.38 -8.02
CA ARG C 3 23.18 -5.15 -6.65
C ARG C 3 22.48 -6.11 -5.70
N LEU C 4 23.26 -6.97 -5.02
CA LEU C 4 22.74 -7.66 -3.85
C LEU C 4 22.37 -6.63 -2.79
N GLN C 5 21.19 -6.75 -2.18
CA GLN C 5 20.67 -5.64 -1.41
C GLN C 5 20.73 -5.86 0.10
N ALA C 6 21.59 -6.75 0.57
CA ALA C 6 22.05 -6.60 1.94
C ALA C 6 22.80 -5.27 2.08
N ASN C 7 23.05 -4.89 3.32
CA ASN C 7 23.90 -3.74 3.62
C ASN C 7 25.31 -4.26 3.85
N PHE C 8 26.22 -3.86 2.99
CA PHE C 8 27.62 -4.28 3.06
C PHE C 8 28.44 -3.13 3.64
N THR C 9 29.40 -3.44 4.49
CA THR C 9 30.23 -2.38 5.06
C THR C 9 31.69 -2.80 5.15
CL CL D . -0.06 -17.93 -8.38
NA NA E . 29.65 -11.38 5.64
C1 GOL F . 36.31 -23.48 -3.47
O1 GOL F . 34.97 -23.14 -3.61
C2 GOL F . 37.01 -22.32 -2.67
O2 GOL F . 37.48 -21.32 -3.53
C3 GOL F . 38.15 -23.00 -1.84
O3 GOL F . 38.91 -21.97 -1.30
NA NA G . 13.12 24.80 -14.81
C1 GOL H . -17.50 18.84 13.62
O1 GOL H . -18.19 17.96 12.85
C2 GOL H . -17.65 20.23 13.04
O2 GOL H . -18.04 21.14 14.05
C3 GOL H . -16.24 20.49 12.47
O3 GOL H . -16.42 20.98 11.18
#